data_3GMF
#
_entry.id   3GMF
#
_cell.length_a   101.526
_cell.length_b   101.526
_cell.length_c   58.413
_cell.angle_alpha   90.00
_cell.angle_beta   90.00
_cell.angle_gamma   120.00
#
_symmetry.space_group_name_H-M   'H 3'
#
loop_
_entity.id
_entity.type
_entity.pdbx_description
1 polymer 'Protein-disulfide isomerase'
2 non-polymer 'CHLORIDE ION'
3 water water
#
_entity_poly.entity_id   1
_entity_poly.type   'polypeptide(L)'
_entity_poly.pdbx_seq_one_letter_code
;MSLADGHHLLGNPAAKLRLVEFVSYTCPHCSHFEIESEGQLKIGMVQPGKGAIEVRNFVRDPIDMTVALITNCVPPSRFF
TLHTAFMRSQAQWIGPLANSTEAQRQRWFNGTFATRTRAIASDFRFYDFMAARGMDRSTLDRCLSNEALAKKLAAETDEA
INQYNVSGTPSFMIDGILLAGTHDWASLRPQILARLNEGHHHHHH
;
_entity_poly.pdbx_strand_id   A
#
loop_
_chem_comp.id
_chem_comp.type
_chem_comp.name
_chem_comp.formula
CL non-polymer 'CHLORIDE ION' 'Cl -1'
#
# COMPACT_ATOMS: atom_id res chain seq x y z
N LEU A 3 8.61 8.29 -10.17
CA LEU A 3 9.13 7.24 -9.24
C LEU A 3 8.85 5.82 -9.76
N ALA A 4 9.69 4.86 -9.33
CA ALA A 4 9.62 3.44 -9.73
C ALA A 4 8.33 2.72 -9.29
N ASP A 5 8.03 1.57 -9.90
CA ASP A 5 6.80 0.84 -9.59
C ASP A 5 6.73 0.46 -8.11
N GLY A 6 5.53 0.59 -7.53
CA GLY A 6 5.36 0.39 -6.09
C GLY A 6 5.79 1.57 -5.23
N HIS A 7 6.22 2.67 -5.87
CA HIS A 7 6.49 3.95 -5.15
C HIS A 7 5.52 4.99 -5.65
N HIS A 8 4.94 5.76 -4.74
CA HIS A 8 4.02 6.84 -5.12
C HIS A 8 4.23 8.06 -4.25
N LEU A 9 4.32 9.24 -4.87
CA LEU A 9 4.65 10.43 -4.12
C LEU A 9 3.47 11.38 -3.97
N LEU A 10 3.18 11.77 -2.73
CA LEU A 10 2.16 12.76 -2.42
C LEU A 10 2.85 14.06 -2.02
N GLY A 11 2.54 15.14 -2.73
CA GLY A 11 3.16 16.42 -2.46
C GLY A 11 4.37 16.70 -3.32
N ASN A 12 5.06 17.78 -2.99
CA ASN A 12 6.11 18.34 -3.82
C ASN A 12 7.41 17.57 -3.71
N PRO A 13 7.95 17.11 -4.86
CA PRO A 13 9.21 16.35 -4.92
C PRO A 13 10.41 17.10 -4.34
N ALA A 14 10.37 18.43 -4.40
CA ALA A 14 11.44 19.28 -3.88
C ALA A 14 11.25 19.70 -2.39
N ALA A 15 10.17 19.27 -1.76
CA ALA A 15 9.94 19.55 -0.34
C ALA A 15 11.04 18.91 0.49
N LYS A 16 11.55 19.63 1.50
CA LYS A 16 12.74 19.18 2.25
CA LYS A 16 12.75 19.16 2.23
C LYS A 16 12.52 17.90 3.07
N LEU A 17 11.36 17.77 3.70
CA LEU A 17 11.08 16.57 4.49
C LEU A 17 10.44 15.52 3.60
N ARG A 18 11.15 14.41 3.41
CA ARG A 18 10.59 13.30 2.64
C ARG A 18 10.33 12.13 3.60
N LEU A 19 9.04 11.83 3.79
CA LEU A 19 8.63 10.70 4.63
C LEU A 19 8.36 9.52 3.70
N VAL A 20 9.11 8.43 3.91
CA VAL A 20 8.85 7.18 3.18
C VAL A 20 8.09 6.23 4.10
N GLU A 21 7.01 5.64 3.58
CA GLU A 21 6.16 4.72 4.37
C GLU A 21 6.22 3.37 3.67
N PHE A 22 6.62 2.31 4.39
CA PHE A 22 6.58 0.96 3.86
C PHE A 22 5.34 0.35 4.46
N VAL A 23 4.36 0.07 3.61
CA VAL A 23 3.04 -0.35 4.13
C VAL A 23 2.51 -1.57 3.35
N SER A 24 1.60 -2.29 3.99
CA SER A 24 1.07 -3.53 3.44
C SER A 24 -0.44 -3.53 3.56
N TYR A 25 -1.14 -3.94 2.50
CA TYR A 25 -2.64 -3.92 2.51
C TYR A 25 -3.29 -4.92 3.46
N THR A 26 -2.54 -5.94 3.87
CA THR A 26 -3.10 -7.00 4.73
C THR A 26 -2.74 -6.81 6.20
N CYS A 27 -2.07 -5.70 6.51
CA CYS A 27 -1.56 -5.44 7.86
C CYS A 27 -2.55 -4.56 8.64
N PRO A 28 -2.99 -5.02 9.82
CA PRO A 28 -3.96 -4.25 10.60
C PRO A 28 -3.36 -2.95 11.13
N HIS A 29 -2.05 -2.95 11.36
CA HIS A 29 -1.35 -1.74 11.84
C HIS A 29 -1.33 -0.67 10.76
N CYS A 30 -1.16 -1.07 9.51
CA CYS A 30 -1.18 -0.11 8.40
C CYS A 30 -2.56 0.51 8.19
N SER A 31 -3.60 -0.31 8.33
CA SER A 31 -4.98 0.21 8.25
C SER A 31 -5.23 1.23 9.35
N HIS A 32 -4.96 0.85 10.60
CA HIS A 32 -5.06 1.77 11.73
C HIS A 32 -4.22 3.03 11.53
N PHE A 33 -2.99 2.87 11.03
CA PHE A 33 -2.12 4.03 10.79
C PHE A 33 -2.70 5.00 9.75
N GLU A 34 -3.24 4.46 8.67
CA GLU A 34 -3.86 5.30 7.63
C GLU A 34 -5.02 6.14 8.20
N ILE A 35 -5.90 5.51 8.97
CA ILE A 35 -7.04 6.19 9.59
C ILE A 35 -6.54 7.27 10.55
N GLU A 36 -5.50 6.96 11.33
CA GLU A 36 -4.97 7.88 12.34
C GLU A 36 -4.21 9.08 11.74
N SER A 37 -3.52 8.85 10.62
CA SER A 37 -2.53 9.80 10.11
C SER A 37 -2.87 10.58 8.83
N GLU A 38 -3.65 9.98 7.93
CA GLU A 38 -3.86 10.54 6.58
CA GLU A 38 -3.84 10.54 6.59
C GLU A 38 -4.23 12.02 6.61
N GLY A 39 -5.21 12.38 7.44
CA GLY A 39 -5.70 13.76 7.51
C GLY A 39 -4.63 14.73 7.99
N GLN A 40 -4.01 14.40 9.12
CA GLN A 40 -3.03 15.28 9.78
C GLN A 40 -1.77 15.51 8.95
N LEU A 41 -1.31 14.49 8.25
CA LEU A 41 -0.16 14.63 7.36
C LEU A 41 -0.49 15.53 6.16
N LYS A 42 -1.70 15.39 5.63
CA LYS A 42 -2.15 16.22 4.52
C LYS A 42 -2.19 17.71 4.89
N ILE A 43 -2.93 18.06 5.94
CA ILE A 43 -3.13 19.46 6.29
C ILE A 43 -1.91 20.09 6.99
N GLY A 44 -1.19 19.28 7.77
CA GLY A 44 -0.03 19.77 8.53
C GLY A 44 1.25 19.91 7.72
N MET A 45 1.40 19.10 6.68
CA MET A 45 2.70 18.96 6.03
C MET A 45 2.70 19.05 4.50
N VAL A 46 1.81 18.29 3.87
CA VAL A 46 1.77 18.15 2.42
C VAL A 46 1.18 19.40 1.75
N GLN A 47 -0.02 19.79 2.20
CA GLN A 47 -0.71 20.96 1.64
CA GLN A 47 -0.73 20.96 1.66
C GLN A 47 0.13 22.24 1.77
N PRO A 48 0.74 22.50 2.96
CA PRO A 48 1.62 23.68 2.94
C PRO A 48 2.96 23.54 2.20
N GLY A 49 3.25 22.37 1.62
CA GLY A 49 4.49 22.15 0.86
C GLY A 49 5.73 21.98 1.72
N LYS A 50 5.51 21.65 3.00
CA LYS A 50 6.60 21.50 3.97
CA LYS A 50 6.61 21.50 3.96
C LYS A 50 7.25 20.12 3.89
N GLY A 51 6.52 19.15 3.35
CA GLY A 51 7.04 17.81 3.20
C GLY A 51 6.22 17.03 2.21
N ALA A 52 6.73 15.86 1.82
CA ALA A 52 6.06 14.99 0.87
C ALA A 52 6.10 13.55 1.41
N ILE A 53 5.14 12.73 0.96
CA ILE A 53 5.03 11.35 1.43
C ILE A 53 5.22 10.40 0.27
N GLU A 54 6.19 9.50 0.42
CA GLU A 54 6.45 8.49 -0.56
C GLU A 54 5.92 7.17 -0.04
N VAL A 55 4.85 6.68 -0.64
CA VAL A 55 4.24 5.42 -0.20
C VAL A 55 4.86 4.30 -0.99
N ARG A 56 5.43 3.35 -0.26
CA ARG A 56 5.96 2.16 -0.91
CA ARG A 56 6.03 2.13 -0.82
C ARG A 56 5.13 0.94 -0.52
N ASN A 57 4.74 0.20 -1.56
CA ASN A 57 3.99 -1.03 -1.35
C ASN A 57 4.95 -2.14 -0.93
N PHE A 58 4.93 -2.43 0.36
CA PHE A 58 5.76 -3.49 0.90
C PHE A 58 4.87 -4.74 0.89
N VAL A 59 5.06 -5.58 -0.13
CA VAL A 59 4.10 -6.67 -0.37
C VAL A 59 4.50 -7.92 0.41
N ARG A 60 3.65 -8.37 1.33
CA ARG A 60 4.03 -9.41 2.31
C ARG A 60 3.53 -10.82 1.97
N ASP A 61 2.48 -10.87 1.14
CA ASP A 61 1.70 -12.12 0.90
C ASP A 61 0.89 -11.94 -0.41
N PRO A 62 0.36 -13.05 -0.98
CA PRO A 62 -0.30 -12.93 -2.28
C PRO A 62 -1.63 -12.16 -2.24
N ILE A 63 -2.26 -12.06 -1.06
CA ILE A 63 -3.50 -11.26 -0.93
C ILE A 63 -3.15 -9.76 -1.07
N ASP A 64 -2.16 -9.34 -0.29
CA ASP A 64 -1.48 -8.03 -0.43
C ASP A 64 -1.09 -7.75 -1.89
N MET A 65 -0.42 -8.73 -2.52
CA MET A 65 0.00 -8.60 -3.94
C MET A 65 -1.21 -8.31 -4.83
N THR A 66 -2.31 -9.03 -4.60
CA THR A 66 -3.53 -8.85 -5.42
C THR A 66 -4.06 -7.42 -5.29
N VAL A 67 -4.16 -6.92 -4.06
CA VAL A 67 -4.56 -5.52 -3.85
C VAL A 67 -3.59 -4.52 -4.49
N ALA A 68 -2.29 -4.78 -4.34
CA ALA A 68 -1.27 -3.90 -4.90
C ALA A 68 -1.27 -3.90 -6.43
N LEU A 69 -1.63 -5.02 -7.05
CA LEU A 69 -1.81 -5.00 -8.51
C LEU A 69 -2.91 -4.00 -8.89
N ILE A 70 -4.01 -4.02 -8.16
CA ILE A 70 -5.15 -3.13 -8.43
C ILE A 70 -4.74 -1.67 -8.25
N THR A 71 -4.21 -1.32 -7.08
CA THR A 71 -3.84 0.09 -6.82
C THR A 71 -2.73 0.62 -7.74
N ASN A 72 -1.85 -0.27 -8.20
CA ASN A 72 -0.77 0.13 -9.11
C ASN A 72 -1.14 0.15 -10.59
N CYS A 73 -2.34 -0.29 -10.93
CA CYS A 73 -2.74 -0.37 -12.36
CA CYS A 73 -2.75 -0.38 -12.31
C CYS A 73 -3.50 0.88 -12.75
N VAL A 74 -3.98 1.66 -11.81
CA VAL A 74 -4.67 2.92 -12.07
C VAL A 74 -3.67 4.06 -12.33
N PRO A 75 -4.10 5.13 -13.05
CA PRO A 75 -3.25 6.33 -13.19
C PRO A 75 -2.83 6.91 -11.83
N PRO A 76 -1.60 7.48 -11.75
CA PRO A 76 -1.07 8.13 -10.53
C PRO A 76 -2.06 9.01 -9.78
N SER A 77 -2.87 9.78 -10.51
CA SER A 77 -3.85 10.69 -9.91
C SER A 77 -5.07 9.99 -9.25
N ARG A 78 -5.12 8.67 -9.37
CA ARG A 78 -6.16 7.85 -8.74
CA ARG A 78 -6.15 7.83 -8.76
C ARG A 78 -5.55 6.95 -7.65
N PHE A 79 -4.24 6.70 -7.71
CA PHE A 79 -3.57 5.82 -6.71
C PHE A 79 -3.98 6.13 -5.28
N PHE A 80 -3.81 7.38 -4.88
CA PHE A 80 -3.94 7.72 -3.47
C PHE A 80 -5.33 7.54 -2.92
N THR A 81 -6.36 7.86 -3.71
CA THR A 81 -7.74 7.62 -3.29
CA THR A 81 -7.74 7.64 -3.31
C THR A 81 -8.01 6.13 -3.13
N LEU A 82 -7.52 5.34 -4.07
CA LEU A 82 -7.75 3.90 -4.05
C LEU A 82 -6.96 3.19 -2.92
N HIS A 83 -5.68 3.53 -2.81
CA HIS A 83 -4.82 3.06 -1.71
C HIS A 83 -5.44 3.37 -0.35
N THR A 84 -5.91 4.61 -0.15
CA THR A 84 -6.54 5.00 1.12
C THR A 84 -7.82 4.21 1.36
N ALA A 85 -8.61 4.00 0.30
CA ALA A 85 -9.86 3.22 0.39
C ALA A 85 -9.63 1.78 0.86
N PHE A 86 -8.69 1.07 0.22
CA PHE A 86 -8.32 -0.27 0.70
C PHE A 86 -7.85 -0.29 2.15
N MET A 87 -7.06 0.72 2.53
CA MET A 87 -6.56 0.79 3.90
C MET A 87 -7.65 1.15 4.90
N ARG A 88 -8.41 2.20 4.60
CA ARG A 88 -9.51 2.62 5.49
C ARG A 88 -10.61 1.57 5.62
N SER A 89 -10.91 0.88 4.53
CA SER A 89 -12.00 -0.09 4.54
CA SER A 89 -12.00 -0.09 4.54
C SER A 89 -11.52 -1.54 4.73
N GLN A 90 -10.29 -1.70 5.23
CA GLN A 90 -9.72 -3.04 5.43
C GLN A 90 -10.64 -4.00 6.15
N ALA A 91 -11.24 -3.58 7.27
CA ALA A 91 -12.13 -4.46 8.04
C ALA A 91 -13.32 -4.97 7.22
N GLN A 92 -13.75 -4.19 6.24
CA GLN A 92 -14.87 -4.57 5.37
C GLN A 92 -14.52 -5.65 4.35
N TRP A 93 -13.26 -5.70 3.88
CA TRP A 93 -12.91 -6.67 2.83
C TRP A 93 -12.02 -7.82 3.28
N ILE A 94 -11.38 -7.68 4.44
CA ILE A 94 -10.30 -8.67 4.77
C ILE A 94 -10.84 -9.92 5.51
N GLY A 95 -12.15 -9.95 5.75
CA GLY A 95 -12.76 -11.06 6.51
C GLY A 95 -12.35 -12.46 6.09
N PRO A 96 -12.28 -12.75 4.77
CA PRO A 96 -11.85 -14.10 4.37
C PRO A 96 -10.47 -14.53 4.83
N LEU A 97 -9.59 -13.59 5.19
CA LEU A 97 -8.30 -13.99 5.76
C LEU A 97 -8.51 -14.81 7.03
N ALA A 98 -9.41 -14.36 7.91
CA ALA A 98 -9.73 -15.11 9.13
C ALA A 98 -10.66 -16.30 8.91
N ASN A 99 -11.68 -16.10 8.08
CA ASN A 99 -12.82 -16.99 8.00
C ASN A 99 -12.66 -18.14 7.00
N SER A 100 -11.70 -18.04 6.07
CA SER A 100 -11.61 -19.08 5.05
C SER A 100 -11.16 -20.42 5.64
N THR A 101 -11.49 -21.51 4.95
CA THR A 101 -11.07 -22.85 5.40
C THR A 101 -9.76 -23.27 4.76
N GLU A 102 -9.19 -24.38 5.24
CA GLU A 102 -7.97 -24.96 4.67
C GLU A 102 -8.03 -25.07 3.12
N ALA A 103 -9.11 -25.66 2.60
CA ALA A 103 -9.19 -25.90 1.15
C ALA A 103 -9.21 -24.59 0.35
N GLN A 104 -9.79 -23.55 0.94
CA GLN A 104 -9.77 -22.25 0.29
C GLN A 104 -8.37 -21.68 0.30
N ARG A 105 -7.71 -21.79 1.46
CA ARG A 105 -6.36 -21.21 1.64
C ARG A 105 -5.34 -21.84 0.73
N GLN A 106 -5.51 -23.14 0.44
CA GLN A 106 -4.62 -23.89 -0.44
CA GLN A 106 -4.56 -23.84 -0.40
C GLN A 106 -4.44 -23.21 -1.80
N ARG A 107 -5.53 -22.65 -2.29
CA ARG A 107 -5.53 -22.00 -3.61
C ARG A 107 -4.78 -20.67 -3.63
N TRP A 108 -4.55 -20.05 -2.47
CA TRP A 108 -3.82 -18.78 -2.45
C TRP A 108 -2.33 -18.97 -2.60
N PHE A 109 -1.85 -20.18 -2.34
CA PHE A 109 -0.40 -20.40 -2.09
C PHE A 109 0.22 -21.43 -2.99
N ASN A 110 -0.54 -21.83 -4.00
CA ASN A 110 -0.22 -22.93 -4.90
C ASN A 110 -0.72 -22.63 -6.31
N GLY A 111 -0.07 -23.23 -7.30
CA GLY A 111 -0.43 -22.93 -8.68
C GLY A 111 0.32 -21.72 -9.19
N THR A 112 -0.03 -21.29 -10.40
CA THR A 112 0.68 -20.19 -11.05
C THR A 112 0.18 -18.88 -10.48
N PHE A 113 0.92 -17.81 -10.75
CA PHE A 113 0.53 -16.47 -10.37
C PHE A 113 -0.92 -16.15 -10.78
N ALA A 114 -1.28 -16.43 -12.04
CA ALA A 114 -2.64 -16.14 -12.53
C ALA A 114 -3.75 -16.87 -11.78
N THR A 115 -3.57 -18.16 -11.57
CA THR A 115 -4.56 -19.01 -10.92
C THR A 115 -4.80 -18.53 -9.48
N ARG A 116 -3.75 -18.30 -8.73
CA ARG A 116 -3.90 -17.89 -7.34
C ARG A 116 -4.47 -16.48 -7.21
N THR A 117 -4.09 -15.56 -8.09
CA THR A 117 -4.57 -14.18 -8.05
C THR A 117 -6.07 -14.12 -8.31
N ARG A 118 -6.52 -14.92 -9.27
CA ARG A 118 -7.94 -15.04 -9.60
C ARG A 118 -8.73 -15.65 -8.43
N ALA A 119 -8.18 -16.67 -7.78
CA ALA A 119 -8.81 -17.32 -6.62
C ALA A 119 -8.97 -16.35 -5.47
N ILE A 120 -7.91 -15.59 -5.21
CA ILE A 120 -7.94 -14.59 -4.15
C ILE A 120 -8.97 -13.49 -4.44
N ALA A 121 -8.93 -12.97 -5.67
CA ALA A 121 -9.85 -11.88 -6.06
C ALA A 121 -11.31 -12.36 -5.91
N SER A 122 -11.53 -13.64 -6.20
CA SER A 122 -12.84 -14.25 -6.02
CA SER A 122 -12.84 -14.25 -6.02
C SER A 122 -13.23 -14.35 -4.54
N ASP A 123 -12.37 -15.00 -3.75
CA ASP A 123 -12.61 -15.18 -2.31
C ASP A 123 -12.79 -13.88 -1.55
N PHE A 124 -12.05 -12.84 -1.94
CA PHE A 124 -12.08 -11.55 -1.23
C PHE A 124 -13.07 -10.56 -1.86
N ARG A 125 -13.77 -11.04 -2.90
CA ARG A 125 -14.84 -10.26 -3.54
C ARG A 125 -14.36 -8.92 -4.10
N PHE A 126 -13.19 -8.94 -4.74
CA PHE A 126 -12.60 -7.72 -5.27
C PHE A 126 -13.30 -7.21 -6.55
N TYR A 127 -13.94 -8.12 -7.27
CA TYR A 127 -14.74 -7.74 -8.44
C TYR A 127 -15.86 -6.79 -8.03
N ASP A 128 -16.63 -7.16 -6.99
CA ASP A 128 -17.68 -6.30 -6.43
C ASP A 128 -17.14 -5.00 -5.80
N PHE A 129 -16.07 -5.12 -5.01
CA PHE A 129 -15.41 -3.96 -4.40
C PHE A 129 -15.00 -2.90 -5.45
N MET A 130 -14.41 -3.35 -6.55
CA MET A 130 -13.91 -2.44 -7.59
C MET A 130 -14.99 -1.98 -8.57
N ALA A 131 -16.03 -2.79 -8.75
CA ALA A 131 -17.20 -2.42 -9.56
C ALA A 131 -17.93 -1.25 -8.91
N ALA A 132 -18.00 -1.28 -7.58
CA ALA A 132 -18.58 -0.17 -6.82
C ALA A 132 -17.73 1.11 -6.88
N ARG A 133 -16.56 1.02 -7.51
CA ARG A 133 -15.65 2.14 -7.68
C ARG A 133 -15.28 2.36 -9.16
N GLY A 134 -16.14 1.88 -10.05
CA GLY A 134 -16.04 2.21 -11.47
C GLY A 134 -15.24 1.26 -12.35
N MET A 135 -14.47 0.36 -11.74
CA MET A 135 -13.66 -0.60 -12.49
C MET A 135 -14.46 -1.88 -12.79
N ASP A 136 -14.73 -2.13 -14.06
CA ASP A 136 -15.49 -3.31 -14.47
C ASP A 136 -14.64 -4.58 -14.42
N ARG A 137 -15.26 -5.72 -14.70
CA ARG A 137 -14.57 -7.01 -14.68
C ARG A 137 -13.41 -7.12 -15.69
N SER A 138 -13.60 -6.60 -16.91
CA SER A 138 -12.58 -6.68 -17.95
CA SER A 138 -12.58 -6.68 -17.94
C SER A 138 -11.33 -5.86 -17.61
N THR A 139 -11.53 -4.66 -17.04
CA THR A 139 -10.43 -3.82 -16.60
C THR A 139 -9.70 -4.50 -15.42
N LEU A 140 -10.47 -5.08 -14.51
CA LEU A 140 -9.87 -5.77 -13.34
C LEU A 140 -9.13 -7.05 -13.74
N ASP A 141 -9.70 -7.81 -14.68
CA ASP A 141 -9.04 -9.01 -15.23
C ASP A 141 -7.64 -8.72 -15.78
N ARG A 142 -7.52 -7.64 -16.57
CA ARG A 142 -6.24 -7.23 -17.17
C ARG A 142 -5.25 -6.87 -16.08
N CYS A 143 -5.72 -6.11 -15.08
CA CYS A 143 -4.91 -5.70 -13.93
CA CYS A 143 -4.88 -5.73 -13.95
C CYS A 143 -4.38 -6.95 -13.18
N LEU A 144 -5.28 -7.88 -12.87
CA LEU A 144 -4.90 -9.09 -12.12
C LEU A 144 -3.99 -10.06 -12.86
N SER A 145 -3.92 -9.94 -14.20
CA SER A 145 -3.06 -10.81 -15.00
CA SER A 145 -3.05 -10.81 -14.98
C SER A 145 -1.68 -10.19 -15.28
N ASN A 146 -1.48 -8.95 -14.82
CA ASN A 146 -0.22 -8.22 -15.04
C ASN A 146 0.92 -8.78 -14.14
N GLU A 147 1.40 -9.94 -14.52
CA GLU A 147 2.50 -10.63 -13.83
C GLU A 147 3.81 -9.87 -13.90
N ALA A 148 4.01 -9.12 -14.98
CA ALA A 148 5.20 -8.27 -15.15
C ALA A 148 5.25 -7.25 -14.02
N LEU A 149 4.10 -6.61 -13.76
CA LEU A 149 3.97 -5.67 -12.65
C LEU A 149 4.16 -6.34 -11.29
N ALA A 150 3.58 -7.54 -11.10
CA ALA A 150 3.76 -8.30 -9.87
C ALA A 150 5.25 -8.52 -9.60
N LYS A 151 5.99 -8.87 -10.64
CA LYS A 151 7.43 -9.09 -10.47
C LYS A 151 8.18 -7.82 -10.06
N LYS A 152 7.74 -6.68 -10.58
CA LYS A 152 8.35 -5.37 -10.24
CA LYS A 152 8.35 -5.39 -10.24
C LYS A 152 8.01 -4.97 -8.81
N LEU A 153 6.78 -5.24 -8.39
CA LEU A 153 6.40 -4.98 -7.01
C LEU A 153 7.15 -5.92 -6.06
N ALA A 154 7.35 -7.18 -6.46
CA ALA A 154 8.19 -8.11 -5.70
C ALA A 154 9.64 -7.60 -5.58
N ALA A 155 10.16 -7.05 -6.68
CA ALA A 155 11.55 -6.54 -6.69
C ALA A 155 11.70 -5.32 -5.77
N GLU A 156 10.70 -4.44 -5.82
CA GLU A 156 10.66 -3.26 -4.96
C GLU A 156 10.63 -3.67 -3.47
N THR A 157 9.84 -4.69 -3.17
CA THR A 157 9.70 -5.23 -1.84
C THR A 157 11.03 -5.84 -1.39
N ASP A 158 11.66 -6.57 -2.30
CA ASP A 158 12.95 -7.19 -2.00
C ASP A 158 14.00 -6.11 -1.70
N GLU A 159 13.92 -4.96 -2.40
CA GLU A 159 14.85 -3.81 -2.15
C GLU A 159 14.70 -3.28 -0.73
N ALA A 160 13.46 -3.16 -0.27
CA ALA A 160 13.17 -2.76 1.12
C ALA A 160 13.75 -3.75 2.14
N ILE A 161 13.53 -5.04 1.90
CA ILE A 161 14.01 -6.09 2.78
C ILE A 161 15.56 -6.09 2.78
N ASN A 162 16.16 -6.03 1.60
CA ASN A 162 17.62 -6.13 1.49
C ASN A 162 18.38 -4.89 1.96
N GLN A 163 18.00 -3.72 1.45
CA GLN A 163 18.72 -2.48 1.80
C GLN A 163 18.37 -1.94 3.19
N TYR A 164 17.12 -2.10 3.60
CA TYR A 164 16.66 -1.39 4.80
C TYR A 164 16.26 -2.27 5.97
N ASN A 165 16.33 -3.58 5.77
CA ASN A 165 15.99 -4.55 6.79
C ASN A 165 14.54 -4.39 7.23
N VAL A 166 13.69 -3.91 6.33
CA VAL A 166 12.27 -3.71 6.67
C VAL A 166 11.67 -5.07 7.00
N SER A 167 11.06 -5.13 8.15
CA SER A 167 10.45 -6.36 8.63
C SER A 167 8.99 -6.17 9.03
N GLY A 168 8.75 -5.42 10.11
CA GLY A 168 7.39 -5.10 10.53
C GLY A 168 6.80 -3.96 9.70
N THR A 169 5.47 -3.89 9.67
CA THR A 169 4.76 -2.80 8.97
C THR A 169 3.73 -2.13 9.91
N PRO A 170 3.45 -0.82 9.72
CA PRO A 170 4.16 0.06 8.78
C PRO A 170 5.55 0.36 9.33
N SER A 171 6.47 0.67 8.44
CA SER A 171 7.77 1.20 8.86
C SER A 171 8.03 2.49 8.08
N PHE A 172 8.97 3.30 8.57
CA PHE A 172 9.14 4.65 8.05
C PHE A 172 10.59 5.01 7.93
N MET A 173 10.92 5.83 6.92
CA MET A 173 12.20 6.53 6.89
C MET A 173 11.99 8.04 6.75
N ILE A 174 12.84 8.82 7.40
CA ILE A 174 12.83 10.26 7.18
C ILE A 174 14.22 10.65 6.70
N ASP A 175 14.26 11.31 5.55
CA ASP A 175 15.49 11.77 4.93
C ASP A 175 16.58 10.68 4.95
N GLY A 176 16.20 9.47 4.53
CA GLY A 176 17.12 8.33 4.44
C GLY A 176 17.42 7.48 5.67
N ILE A 177 16.90 7.88 6.84
CA ILE A 177 17.12 7.13 8.08
CA ILE A 177 17.12 7.16 8.09
C ILE A 177 15.88 6.31 8.39
N LEU A 178 16.07 4.99 8.52
CA LEU A 178 14.97 4.09 8.91
C LEU A 178 14.71 4.31 10.39
N LEU A 179 13.44 4.56 10.73
CA LEU A 179 13.14 4.93 12.08
C LEU A 179 12.94 3.70 12.96
N ALA A 180 13.92 3.45 13.84
CA ALA A 180 13.80 2.42 14.88
C ALA A 180 12.59 2.64 15.78
N GLY A 181 11.93 1.53 16.17
CA GLY A 181 10.82 1.54 17.13
C GLY A 181 9.60 2.36 16.75
N THR A 182 9.45 2.65 15.46
CA THR A 182 8.44 3.59 14.99
C THR A 182 7.54 2.84 14.02
N HIS A 183 6.40 2.38 14.52
CA HIS A 183 5.45 1.61 13.71
C HIS A 183 3.98 2.01 13.85
N ASP A 184 3.75 3.26 14.27
CA ASP A 184 2.38 3.79 14.37
C ASP A 184 2.41 5.32 14.38
N TRP A 185 1.25 5.94 14.32
CA TRP A 185 1.18 7.40 14.25
C TRP A 185 1.69 8.07 15.53
N ALA A 186 1.42 7.43 16.67
CA ALA A 186 1.80 7.98 17.97
C ALA A 186 3.31 8.13 18.11
N SER A 187 4.05 7.13 17.61
CA SER A 187 5.51 7.19 17.57
C SER A 187 6.09 8.04 16.42
N LEU A 188 5.40 8.04 15.29
CA LEU A 188 5.86 8.78 14.13
C LEU A 188 5.71 10.30 14.27
N ARG A 189 4.53 10.74 14.68
CA ARG A 189 4.20 12.18 14.66
C ARG A 189 5.22 13.10 15.37
N PRO A 190 5.69 12.73 16.58
CA PRO A 190 6.67 13.64 17.21
C PRO A 190 7.98 13.78 16.41
N GLN A 191 8.38 12.72 15.71
CA GLN A 191 9.55 12.79 14.86
C GLN A 191 9.35 13.65 13.63
N ILE A 192 8.14 13.64 13.08
CA ILE A 192 7.80 14.53 11.96
C ILE A 192 7.78 16.00 12.43
N LEU A 193 7.07 16.26 13.52
CA LEU A 193 6.96 17.64 14.05
C LEU A 193 8.33 18.21 14.48
N ALA A 194 9.20 17.38 15.06
CA ALA A 194 10.56 17.81 15.44
C ALA A 194 11.36 18.33 14.24
N ARG A 195 11.23 17.61 13.12
CA ARG A 195 11.89 17.96 11.86
CA ARG A 195 11.92 18.01 11.90
C ARG A 195 11.27 19.21 11.22
N LEU A 196 9.93 19.28 11.25
CA LEU A 196 9.25 20.43 10.64
C LEU A 196 9.58 21.72 11.42
N ASN A 197 9.74 21.59 12.74
CA ASN A 197 9.88 22.75 13.62
C ASN A 197 11.31 23.06 14.12
N GLU A 198 12.28 22.55 13.42
CA GLU A 198 13.67 22.72 13.77
C GLU A 198 14.10 24.15 13.73
CL CL B . 18.51 -4.05 -3.16
CL CL C . -1.39 4.29 14.15
CL CL D . -16.84 -10.22 -6.20
#